data_7VFA
#
_entry.id   7VFA
#
_cell.length_a   61.723
_cell.length_b   61.723
_cell.length_c   239.012
_cell.angle_alpha   90.000
_cell.angle_beta   90.000
_cell.angle_gamma   90.000
#
_symmetry.space_group_name_H-M   'P 43 21 2'
#
loop_
_entity.id
_entity.type
_entity.pdbx_description
1 polymer NB1A2
2 polymer '3C-like proteinase'
3 non-polymer 'SULFATE ION'
4 water water
#
loop_
_entity_poly.entity_id
_entity_poly.type
_entity_poly.pdbx_seq_one_letter_code
_entity_poly.pdbx_strand_id
1 'polypeptide(L)'
;MKYLLPTAAAGLLLLAAQPAMAQVQLQESGGGSVAAGGSLRLSCAVSGVTASSVYMAWFRQAPGKEREGLAGINTVGYTT
YADSVKGRFTISKDNSENTLYLQMNSLKPEDIALYYCAATYLLRFASLSATNFPYWGQGTQVTVSSHHHHHH
;
D
2 'polypeptide(L)'
;SGFRKMAFPSGKVEGCMVQVTCGTTTLNGLWLDDVVYCPRHVICTSEDMLNPNYEDLLIRKSNHNFLVQAGNVQLRVIGH
SMQNCVLKLKVDTANPKTPKYKFVRIQPGQTFSVLACYNGSPSGVYQCAMRPNFTIKGSFLNGSCGSVGFNIDYDCVSFC
YMHHMELPTGVHAGTDLEGNFYGPFVDRQTAQAAGTDTTITVNVLAWLYAAVINGDRWFLNRFTTTLNDFNLVAMKYNYE
PLTQDHVDILGPLSAQTGIAVLDMCASLKELLQNGMNGRTILGSALLEDEFTPFDVVRQCSGVTFQ
;
E
#
loop_
_chem_comp.id
_chem_comp.type
_chem_comp.name
_chem_comp.formula
SO4 non-polymer 'SULFATE ION' 'O4 S -2'
#
# COMPACT_ATOMS: atom_id res chain seq x y z
N VAL A 24 -3.60 23.23 -5.01
CA VAL A 24 -3.79 22.54 -6.29
C VAL A 24 -4.81 23.29 -7.14
N GLN A 25 -4.47 23.50 -8.41
CA GLN A 25 -5.28 24.26 -9.35
C GLN A 25 -5.25 23.50 -10.68
N LEU A 26 -6.43 23.15 -11.21
CA LEU A 26 -6.53 22.37 -12.43
C LEU A 26 -7.41 23.08 -13.45
N GLN A 27 -6.93 23.22 -14.69
CA GLN A 27 -7.67 23.89 -15.75
C GLN A 27 -7.62 23.06 -17.02
N GLU A 28 -8.79 22.60 -17.47
CA GLU A 28 -8.89 21.82 -18.69
C GLU A 28 -9.01 22.72 -19.91
N SER A 29 -8.50 22.24 -21.04
CA SER A 29 -8.78 22.87 -22.32
C SER A 29 -8.77 21.78 -23.39
N GLY A 30 -9.16 22.16 -24.59
CA GLY A 30 -9.08 21.26 -25.73
C GLY A 30 -10.36 20.56 -26.10
N GLY A 31 -11.45 20.80 -25.39
CA GLY A 31 -12.73 20.25 -25.78
C GLY A 31 -13.21 20.86 -27.08
N GLY A 32 -14.26 20.27 -27.63
CA GLY A 32 -14.83 20.81 -28.86
C GLY A 32 -15.87 19.87 -29.43
N SER A 33 -16.27 20.16 -30.67
CA SER A 33 -17.30 19.42 -31.38
C SER A 33 -16.67 18.70 -32.57
N VAL A 34 -16.93 17.39 -32.69
CA VAL A 34 -16.45 16.60 -33.80
C VAL A 34 -17.57 15.70 -34.28
N ALA A 35 -17.37 15.09 -35.45
CA ALA A 35 -18.26 14.06 -35.93
C ALA A 35 -17.74 12.70 -35.45
N ALA A 36 -18.64 11.72 -35.43
CA ALA A 36 -18.30 10.37 -35.03
C ALA A 36 -17.08 9.87 -35.80
N GLY A 37 -16.16 9.23 -35.08
CA GLY A 37 -14.88 8.83 -35.63
C GLY A 37 -13.79 9.87 -35.50
N GLY A 38 -14.13 11.10 -35.12
CA GLY A 38 -13.17 12.16 -35.00
C GLY A 38 -12.32 12.02 -33.76
N SER A 39 -11.52 13.05 -33.50
CA SER A 39 -10.48 13.00 -32.49
C SER A 39 -10.31 14.35 -31.82
N LEU A 40 -9.94 14.31 -30.54
CA LEU A 40 -9.65 15.49 -29.76
C LEU A 40 -8.49 15.19 -28.83
N ARG A 41 -7.78 16.23 -28.41
CA ARG A 41 -6.73 16.11 -27.41
C ARG A 41 -7.04 17.10 -26.30
N LEU A 42 -7.37 16.59 -25.12
CA LEU A 42 -7.60 17.46 -23.97
C LEU A 42 -6.30 17.71 -23.22
N SER A 43 -6.22 18.90 -22.62
CA SER A 43 -5.08 19.30 -21.80
C SER A 43 -5.59 19.71 -20.43
N CYS A 44 -4.77 19.46 -19.41
CA CYS A 44 -5.08 19.88 -18.05
C CYS A 44 -3.86 20.57 -17.47
N ALA A 45 -3.95 21.87 -17.27
CA ALA A 45 -2.84 22.68 -16.76
C ALA A 45 -2.88 22.66 -15.24
N VAL A 46 -1.78 22.26 -14.62
CA VAL A 46 -1.69 22.15 -13.16
C VAL A 46 -0.95 23.35 -12.63
N SER A 47 -1.51 24.00 -11.62
CA SER A 47 -0.92 25.16 -10.97
C SER A 47 -0.95 24.96 -9.46
N GLY A 48 -0.06 25.67 -8.77
CA GLY A 48 -0.02 25.64 -7.33
C GLY A 48 0.78 24.50 -6.73
N VAL A 49 0.97 23.41 -7.46
CA VAL A 49 1.79 22.27 -7.05
C VAL A 49 2.42 21.69 -8.30
N THR A 50 3.41 20.82 -8.11
CA THR A 50 4.00 20.10 -9.24
C THR A 50 3.13 18.92 -9.63
N ALA A 51 2.94 18.74 -10.94
CA ALA A 51 2.19 17.59 -11.43
C ALA A 51 2.89 16.28 -11.08
N SER A 52 4.20 16.32 -10.84
CA SER A 52 4.95 15.12 -10.47
C SER A 52 4.66 14.65 -9.05
N SER A 53 3.86 15.40 -8.28
CA SER A 53 3.64 15.07 -6.88
C SER A 53 2.25 14.51 -6.59
N VAL A 54 1.39 14.38 -7.60
CA VAL A 54 0.00 13.97 -7.38
C VAL A 54 -0.35 12.86 -8.38
N TYR A 55 -1.16 11.91 -7.93
CA TYR A 55 -1.83 11.00 -8.85
C TYR A 55 -2.85 11.81 -9.64
N MET A 56 -2.92 11.57 -10.94
CA MET A 56 -3.77 12.37 -11.81
C MET A 56 -4.66 11.48 -12.67
N ALA A 57 -5.86 11.97 -12.99
CA ALA A 57 -6.78 11.16 -13.76
C ALA A 57 -7.73 12.05 -14.56
N TRP A 58 -8.30 11.45 -15.60
CA TRP A 58 -9.34 12.06 -16.42
C TRP A 58 -10.68 11.39 -16.12
N PHE A 59 -11.69 12.21 -15.89
CA PHE A 59 -13.06 11.78 -15.64
C PHE A 59 -13.95 12.41 -16.68
N ARG A 60 -15.14 11.86 -16.86
CA ARG A 60 -16.17 12.58 -17.59
C ARG A 60 -17.47 12.52 -16.82
N GLN A 61 -18.32 13.51 -17.08
CA GLN A 61 -19.67 13.55 -16.52
C GLN A 61 -20.62 13.62 -17.69
N ALA A 62 -21.09 12.45 -18.13
CA ALA A 62 -22.13 12.38 -19.15
C ALA A 62 -23.42 12.99 -18.60
N PRO A 63 -24.34 13.43 -19.47
CA PRO A 63 -25.56 14.09 -19.00
C PRO A 63 -26.31 13.27 -17.96
N GLY A 64 -26.42 13.80 -16.74
CA GLY A 64 -27.16 13.14 -15.69
C GLY A 64 -26.54 11.86 -15.18
N LYS A 65 -25.26 11.63 -15.47
CA LYS A 65 -24.55 10.44 -15.02
C LYS A 65 -23.53 10.82 -13.95
N GLU A 66 -23.20 9.84 -13.12
CA GLU A 66 -22.14 10.04 -12.14
C GLU A 66 -20.80 10.13 -12.86
N ARG A 67 -19.82 10.76 -12.20
CA ARG A 67 -18.53 10.94 -12.84
C ARG A 67 -17.85 9.59 -13.05
N GLU A 68 -17.37 9.37 -14.26
CA GLU A 68 -16.80 8.10 -14.67
C GLU A 68 -15.30 8.26 -14.86
N GLY A 69 -14.51 7.51 -14.10
CA GLY A 69 -13.06 7.55 -14.26
C GLY A 69 -12.66 6.84 -15.53
N LEU A 70 -11.86 7.50 -16.35
CA LEU A 70 -11.48 6.98 -17.66
C LEU A 70 -10.04 6.52 -17.73
N ALA A 71 -9.12 7.30 -17.16
CA ALA A 71 -7.71 7.02 -17.29
C ALA A 71 -6.96 7.72 -16.17
N GLY A 72 -6.03 7.02 -15.55
CA GLY A 72 -5.25 7.60 -14.47
C GLY A 72 -3.80 7.19 -14.62
N ILE A 73 -2.92 7.99 -14.02
CA ILE A 73 -1.49 7.76 -14.08
C ILE A 73 -0.87 8.15 -12.75
N ASN A 74 -0.06 7.25 -12.19
CA ASN A 74 0.62 7.57 -10.94
C ASN A 74 1.95 8.24 -11.26
N THR A 75 2.68 8.65 -10.21
CA THR A 75 3.84 9.50 -10.45
C THR A 75 5.08 8.72 -10.88
N VAL A 76 5.00 7.40 -11.03
CA VAL A 76 6.07 6.63 -11.65
C VAL A 76 5.64 6.06 -13.01
N GLY A 77 4.52 6.54 -13.55
CA GLY A 77 4.14 6.21 -14.91
C GLY A 77 3.14 5.09 -15.08
N TYR A 78 2.66 4.48 -14.01
CA TYR A 78 1.74 3.36 -14.13
C TYR A 78 0.34 3.88 -14.49
N THR A 79 -0.23 3.35 -15.56
CA THR A 79 -1.51 3.82 -16.08
C THR A 79 -2.60 2.80 -15.84
N THR A 80 -3.82 3.32 -15.62
CA THR A 80 -5.03 2.51 -15.48
C THR A 80 -6.07 3.08 -16.43
N TYR A 81 -6.76 2.20 -17.14
CA TYR A 81 -7.79 2.62 -18.10
C TYR A 81 -9.10 1.89 -17.84
N ALA A 82 -10.20 2.63 -18.00
CA ALA A 82 -11.51 2.00 -18.00
C ALA A 82 -11.71 1.23 -19.30
N ASP A 83 -12.42 0.09 -19.20
CA ASP A 83 -12.71 -0.70 -20.38
C ASP A 83 -13.46 0.12 -21.43
N SER A 84 -14.23 1.11 -20.99
CA SER A 84 -15.05 1.91 -21.92
C SER A 84 -14.21 2.70 -22.90
N VAL A 85 -12.93 2.96 -22.60
CA VAL A 85 -12.08 3.78 -23.46
C VAL A 85 -10.79 3.09 -23.85
N LYS A 86 -10.57 1.84 -23.44
CA LYS A 86 -9.34 1.15 -23.79
C LYS A 86 -9.24 1.03 -25.31
N GLY A 87 -8.02 1.22 -25.82
CA GLY A 87 -7.77 1.21 -27.25
C GLY A 87 -8.06 2.51 -27.96
N ARG A 88 -8.82 3.42 -27.34
CA ARG A 88 -9.19 4.67 -27.97
C ARG A 88 -8.57 5.90 -27.32
N PHE A 89 -8.51 5.96 -25.99
CA PHE A 89 -8.02 7.14 -25.27
C PHE A 89 -6.67 6.82 -24.65
N THR A 90 -5.77 7.80 -24.66
CA THR A 90 -4.43 7.63 -24.08
C THR A 90 -4.13 8.79 -23.15
N ILE A 91 -3.78 8.47 -21.90
CA ILE A 91 -3.40 9.48 -20.93
C ILE A 91 -1.89 9.61 -20.95
N SER A 92 -1.41 10.85 -20.82
CA SER A 92 0.03 11.12 -20.77
C SER A 92 0.25 12.38 -19.98
N LYS A 93 1.50 12.58 -19.57
CA LYS A 93 1.84 13.66 -18.65
C LYS A 93 3.17 14.25 -19.05
N ASP A 94 3.23 15.58 -19.11
CA ASP A 94 4.46 16.29 -19.39
C ASP A 94 4.79 17.08 -18.12
N ASN A 95 5.68 16.53 -17.29
CA ASN A 95 6.06 17.21 -16.06
C ASN A 95 6.76 18.53 -16.33
N SER A 96 7.50 18.63 -17.44
CA SER A 96 8.18 19.88 -17.76
C SER A 96 7.20 21.02 -18.03
N GLU A 97 6.03 20.70 -18.59
CA GLU A 97 4.98 21.68 -18.78
C GLU A 97 3.93 21.63 -17.67
N ASN A 98 4.05 20.68 -16.75
CA ASN A 98 3.13 20.56 -15.62
C ASN A 98 1.70 20.36 -16.12
N THR A 99 1.56 19.54 -17.16
CA THR A 99 0.31 19.40 -17.90
C THR A 99 -0.03 17.93 -18.14
N LEU A 100 -1.32 17.61 -17.97
CA LEU A 100 -1.86 16.28 -18.23
C LEU A 100 -2.63 16.29 -19.54
N TYR A 101 -2.50 15.21 -20.32
CA TYR A 101 -3.13 15.12 -21.62
C TYR A 101 -4.01 13.88 -21.74
N LEU A 102 -5.07 14.00 -22.54
CA LEU A 102 -5.89 12.86 -22.94
C LEU A 102 -6.08 12.91 -24.45
N GLN A 103 -5.42 12.00 -25.17
CA GLN A 103 -5.65 11.84 -26.60
C GLN A 103 -6.89 11.01 -26.81
N MET A 104 -7.88 11.56 -27.49
CA MET A 104 -9.19 10.93 -27.66
C MET A 104 -9.42 10.57 -29.12
N ASN A 105 -9.26 9.30 -29.48
CA ASN A 105 -9.51 8.85 -30.84
C ASN A 105 -10.82 8.08 -30.94
N SER A 106 -11.32 7.96 -32.17
CA SER A 106 -12.50 7.15 -32.47
C SER A 106 -13.68 7.54 -31.59
N LEU A 107 -13.98 8.84 -31.55
CA LEU A 107 -15.05 9.34 -30.69
C LEU A 107 -16.42 8.89 -31.21
N LYS A 108 -17.33 8.70 -30.26
CA LYS A 108 -18.67 8.20 -30.51
C LYS A 108 -19.66 9.03 -29.73
N PRO A 109 -20.93 9.05 -30.14
CA PRO A 109 -21.94 9.80 -29.37
C PRO A 109 -21.99 9.42 -27.90
N GLU A 110 -21.63 8.17 -27.57
CA GLU A 110 -21.61 7.74 -26.19
C GLU A 110 -20.56 8.50 -25.37
N ASP A 111 -19.63 9.19 -26.03
CA ASP A 111 -18.56 9.92 -25.35
C ASP A 111 -18.95 11.36 -25.00
N ILE A 112 -20.17 11.80 -25.31
CA ILE A 112 -20.58 13.17 -25.03
C ILE A 112 -20.65 13.39 -23.53
N ALA A 113 -19.93 14.41 -23.05
CA ALA A 113 -19.85 14.71 -21.63
C ALA A 113 -19.03 15.97 -21.43
N LEU A 114 -19.09 16.52 -20.22
CA LEU A 114 -18.01 17.38 -19.75
C LEU A 114 -16.89 16.50 -19.23
N TYR A 115 -15.66 16.81 -19.63
CA TYR A 115 -14.49 16.03 -19.24
C TYR A 115 -13.70 16.80 -18.20
N TYR A 116 -13.41 16.14 -17.08
CA TYR A 116 -12.77 16.77 -15.92
C TYR A 116 -11.41 16.16 -15.64
N CYS A 117 -10.46 17.03 -15.35
CA CYS A 117 -9.17 16.65 -14.78
C CYS A 117 -9.29 16.56 -13.27
N ALA A 118 -8.58 15.59 -12.67
CA ALA A 118 -8.61 15.42 -11.22
C ALA A 118 -7.24 15.01 -10.71
N ALA A 119 -6.98 15.31 -9.44
CA ALA A 119 -5.70 14.97 -8.83
C ALA A 119 -5.92 14.60 -7.37
N THR A 120 -4.97 13.86 -6.81
CA THR A 120 -5.07 13.48 -5.41
C THR A 120 -3.67 13.20 -4.87
N TYR A 121 -3.53 13.38 -3.55
CA TYR A 121 -2.32 12.98 -2.84
C TYR A 121 -2.41 11.58 -2.24
N LEU A 122 -3.61 11.00 -2.20
CA LEU A 122 -3.85 9.79 -1.43
C LEU A 122 -4.95 8.98 -2.09
N LEU A 123 -4.70 7.72 -2.37
CA LEU A 123 -5.74 6.82 -2.87
C LEU A 123 -6.17 5.86 -1.76
N ARG A 124 -7.49 5.69 -1.60
CA ARG A 124 -8.05 4.71 -0.68
C ARG A 124 -8.94 3.69 -1.38
N PHE A 125 -9.22 3.89 -2.66
CA PHE A 125 -10.20 3.10 -3.39
C PHE A 125 -9.57 2.70 -4.72
N ALA A 126 -10.29 1.88 -5.49
CA ALA A 126 -9.86 1.57 -6.85
C ALA A 126 -9.53 2.85 -7.58
N SER A 127 -8.42 2.83 -8.35
CA SER A 127 -7.76 4.05 -8.80
C SER A 127 -8.71 5.02 -9.48
N LEU A 128 -9.57 4.52 -10.37
CA LEU A 128 -10.43 5.38 -11.19
C LEU A 128 -11.72 5.79 -10.49
N SER A 129 -11.87 5.52 -9.19
CA SER A 129 -13.06 5.94 -8.46
C SER A 129 -12.96 7.42 -8.12
N ALA A 130 -14.03 8.17 -8.40
CA ALA A 130 -14.02 9.60 -8.11
C ALA A 130 -13.84 9.89 -6.63
N THR A 131 -14.18 8.93 -5.76
CA THR A 131 -14.02 9.13 -4.32
C THR A 131 -12.56 9.31 -3.91
N ASN A 132 -11.61 8.97 -4.78
CA ASN A 132 -10.19 9.19 -4.46
C ASN A 132 -9.78 10.65 -4.51
N PHE A 133 -10.55 11.50 -5.19
CA PHE A 133 -10.01 12.78 -5.68
C PHE A 133 -10.66 13.97 -5.01
N PRO A 134 -9.88 14.81 -4.31
CA PRO A 134 -10.41 16.06 -3.78
C PRO A 134 -10.20 17.27 -4.67
N TYR A 135 -9.39 17.17 -5.72
CA TYR A 135 -9.07 18.30 -6.59
C TYR A 135 -9.65 18.05 -7.97
N TRP A 136 -10.40 19.03 -8.47
CA TRP A 136 -11.08 18.90 -9.75
C TRP A 136 -10.94 20.18 -10.55
N GLY A 137 -10.80 20.03 -11.87
CA GLY A 137 -10.97 21.15 -12.77
C GLY A 137 -12.45 21.48 -12.91
N GLN A 138 -12.75 22.42 -13.79
CA GLN A 138 -14.13 22.82 -14.00
C GLN A 138 -14.77 22.13 -15.20
N GLY A 139 -14.00 21.38 -15.97
CA GLY A 139 -14.57 20.59 -17.04
C GLY A 139 -14.48 21.29 -18.38
N THR A 140 -14.34 20.50 -19.44
CA THR A 140 -14.35 20.98 -20.81
C THR A 140 -15.32 20.12 -21.61
N GLN A 141 -16.08 20.75 -22.51
CA GLN A 141 -17.14 20.04 -23.21
C GLN A 141 -16.64 19.30 -24.44
N VAL A 142 -17.10 18.06 -24.58
CA VAL A 142 -16.87 17.24 -25.76
C VAL A 142 -18.23 16.86 -26.34
N THR A 143 -18.47 17.23 -27.60
CA THR A 143 -19.68 16.86 -28.30
C THR A 143 -19.32 16.10 -29.57
N VAL A 144 -20.12 15.09 -29.90
CA VAL A 144 -19.88 14.20 -31.02
C VAL A 144 -21.19 14.06 -31.79
N SER A 145 -21.19 14.50 -33.05
CA SER A 145 -22.37 14.32 -33.88
C SER A 145 -22.36 12.93 -34.50
N SER A 146 -23.55 12.39 -34.71
CA SER A 146 -23.67 11.03 -35.24
C SER A 146 -23.98 11.03 -36.74
N SER B 1 16.60 -23.78 -4.56
CA SER B 1 16.49 -25.20 -4.27
C SER B 1 15.23 -25.50 -3.47
N GLY B 2 14.14 -24.84 -3.82
CA GLY B 2 12.89 -25.04 -3.13
C GLY B 2 12.72 -24.22 -1.87
N PHE B 3 13.64 -23.31 -1.58
CA PHE B 3 13.47 -22.38 -0.46
C PHE B 3 12.44 -21.33 -0.86
N ARG B 4 11.29 -21.34 -0.18
CA ARG B 4 10.15 -20.55 -0.60
C ARG B 4 9.67 -19.62 0.50
N LYS B 5 9.05 -18.53 0.06
CA LYS B 5 8.32 -17.65 0.95
C LYS B 5 7.03 -18.33 1.40
N MET B 6 6.73 -18.25 2.69
CA MET B 6 5.53 -18.84 3.26
C MET B 6 4.62 -17.72 3.76
N ALA B 7 3.34 -17.77 3.38
CA ALA B 7 2.34 -16.96 4.04
C ALA B 7 1.70 -17.76 5.16
N PHE B 8 1.25 -17.05 6.19
CA PHE B 8 0.52 -17.75 7.23
C PHE B 8 -0.87 -18.14 6.73
N PRO B 9 -1.40 -19.28 7.17
CA PRO B 9 -2.79 -19.63 6.84
C PRO B 9 -3.70 -18.51 7.33
N SER B 10 -4.56 -18.02 6.44
CA SER B 10 -5.28 -16.78 6.67
C SER B 10 -6.69 -16.96 7.24
N GLY B 11 -7.10 -18.21 7.50
CA GLY B 11 -8.48 -18.45 7.91
C GLY B 11 -8.87 -17.73 9.19
N LYS B 12 -7.97 -17.71 10.18
CA LYS B 12 -8.30 -17.02 11.44
C LYS B 12 -8.52 -15.53 11.23
N VAL B 13 -7.87 -14.94 10.23
CA VAL B 13 -8.08 -13.52 9.94
C VAL B 13 -9.29 -13.32 9.01
N GLU B 14 -9.49 -14.22 8.06
CA GLU B 14 -10.65 -14.14 7.19
C GLU B 14 -11.94 -14.07 8.00
N GLY B 15 -12.02 -14.86 9.07
CA GLY B 15 -13.20 -14.87 9.92
C GLY B 15 -13.45 -13.58 10.66
N CYS B 16 -12.50 -12.64 10.61
CA CYS B 16 -12.60 -11.36 11.29
C CYS B 16 -12.82 -10.19 10.34
N MET B 17 -12.79 -10.41 9.03
CA MET B 17 -12.85 -9.31 8.09
C MET B 17 -14.30 -8.90 7.87
N VAL B 18 -14.55 -7.60 7.97
CA VAL B 18 -15.88 -7.05 7.72
C VAL B 18 -15.72 -5.83 6.81
N GLN B 19 -16.87 -5.33 6.36
CA GLN B 19 -16.96 -4.14 5.55
C GLN B 19 -17.57 -3.03 6.39
N VAL B 20 -16.95 -1.85 6.37
CA VAL B 20 -17.40 -0.68 7.12
C VAL B 20 -17.71 0.43 6.12
N THR B 21 -18.92 0.99 6.21
CA THR B 21 -19.35 2.05 5.32
C THR B 21 -19.80 3.24 6.14
N CYS B 22 -19.27 4.41 5.81
CA CYS B 22 -19.70 5.66 6.41
C CYS B 22 -19.86 6.65 5.25
N GLY B 23 -21.10 6.98 4.93
CA GLY B 23 -21.34 7.83 3.77
C GLY B 23 -20.91 7.12 2.48
N THR B 24 -20.12 7.83 1.67
CA THR B 24 -19.65 7.30 0.40
C THR B 24 -18.36 6.51 0.53
N THR B 25 -17.84 6.36 1.75
CA THR B 25 -16.58 5.65 1.98
C THR B 25 -16.89 4.24 2.46
N THR B 26 -16.34 3.25 1.77
CA THR B 26 -16.40 1.86 2.21
C THR B 26 -14.99 1.29 2.23
N LEU B 27 -14.68 0.51 3.25
CA LEU B 27 -13.35 -0.06 3.42
C LEU B 27 -13.43 -1.28 4.34
N ASN B 28 -12.28 -1.90 4.57
CA ASN B 28 -12.22 -3.12 5.38
C ASN B 28 -12.10 -2.79 6.86
N GLY B 29 -12.76 -3.60 7.70
CA GLY B 29 -12.58 -3.52 9.13
C GLY B 29 -12.21 -4.89 9.69
N LEU B 30 -11.74 -4.88 10.94
CA LEU B 30 -11.29 -6.07 11.64
C LEU B 30 -12.15 -6.27 12.88
N TRP B 31 -12.88 -7.38 12.92
CA TRP B 31 -13.89 -7.65 13.96
C TRP B 31 -13.31 -8.63 14.97
N LEU B 32 -13.00 -8.12 16.16
CA LEU B 32 -12.47 -8.92 17.26
C LEU B 32 -13.30 -8.67 18.51
N ASP B 33 -13.78 -9.74 19.14
CA ASP B 33 -14.76 -9.62 20.24
C ASP B 33 -15.88 -8.71 19.76
N ASP B 34 -16.30 -7.69 20.52
CA ASP B 34 -17.38 -6.80 20.10
C ASP B 34 -16.88 -5.46 19.58
N VAL B 35 -15.69 -5.43 18.97
CA VAL B 35 -15.13 -4.19 18.45
C VAL B 35 -14.69 -4.40 17.01
N VAL B 36 -14.99 -3.43 16.15
CA VAL B 36 -14.52 -3.40 14.77
C VAL B 36 -13.50 -2.28 14.67
N TYR B 37 -12.29 -2.62 14.23
CA TYR B 37 -11.21 -1.67 14.04
C TYR B 37 -11.08 -1.32 12.56
N CYS B 38 -10.89 -0.03 12.24
CA CYS B 38 -10.71 0.37 10.86
C CYS B 38 -10.01 1.73 10.84
N PRO B 39 -9.51 2.16 9.68
CA PRO B 39 -8.89 3.50 9.60
C PRO B 39 -9.89 4.59 9.96
N ARG B 40 -9.44 5.55 10.75
CA ARG B 40 -10.35 6.64 11.14
C ARG B 40 -10.78 7.47 9.94
N HIS B 41 -10.02 7.47 8.84
CA HIS B 41 -10.49 8.23 7.69
C HIS B 41 -11.72 7.64 7.04
N VAL B 42 -12.27 6.53 7.56
CA VAL B 42 -13.56 6.03 7.07
C VAL B 42 -14.63 7.11 7.20
N ILE B 43 -14.46 8.05 8.15
CA ILE B 43 -15.46 9.10 8.35
C ILE B 43 -15.28 10.26 7.40
N CYS B 44 -14.29 10.21 6.50
CA CYS B 44 -13.89 11.33 5.67
C CYS B 44 -14.17 11.05 4.20
N THR B 45 -14.75 12.02 3.50
CA THR B 45 -14.53 12.06 2.06
C THR B 45 -13.10 12.51 1.80
N SER B 46 -12.66 12.40 0.55
CA SER B 46 -11.32 12.87 0.23
C SER B 46 -11.20 14.38 0.42
N GLU B 47 -12.26 15.14 0.16
CA GLU B 47 -12.23 16.57 0.48
C GLU B 47 -12.13 16.81 1.98
N ASP B 48 -12.79 15.99 2.80
CA ASP B 48 -12.61 16.13 4.25
C ASP B 48 -11.15 16.00 4.66
N MET B 49 -10.34 15.22 3.93
CA MET B 49 -8.96 15.05 4.37
C MET B 49 -8.02 16.12 3.83
N LEU B 50 -8.54 17.19 3.25
CA LEU B 50 -7.67 18.32 2.90
C LEU B 50 -7.09 18.98 4.15
N ASN B 51 -7.94 19.26 5.14
CA ASN B 51 -7.50 19.87 6.40
C ASN B 51 -8.33 19.28 7.53
N PRO B 52 -8.17 17.99 7.81
CA PRO B 52 -9.10 17.32 8.73
C PRO B 52 -8.81 17.64 10.18
N ASN B 53 -9.85 18.02 10.90
CA ASN B 53 -9.84 17.98 12.37
C ASN B 53 -10.66 16.75 12.74
N TYR B 54 -9.98 15.64 13.02
CA TYR B 54 -10.69 14.38 13.18
C TYR B 54 -11.59 14.37 14.40
N GLU B 55 -11.20 15.04 15.48
CA GLU B 55 -12.08 15.12 16.64
C GLU B 55 -13.39 15.84 16.29
N ASP B 56 -13.29 16.95 15.55
CA ASP B 56 -14.51 17.67 15.16
C ASP B 56 -15.32 16.87 14.16
N LEU B 57 -14.65 16.22 13.19
CA LEU B 57 -15.38 15.43 12.21
C LEU B 57 -16.10 14.27 12.86
N LEU B 58 -15.48 13.65 13.88
CA LEU B 58 -16.11 12.51 14.52
C LEU B 58 -17.29 12.93 15.39
N ILE B 59 -17.23 14.12 15.99
CA ILE B 59 -18.38 14.61 16.77
C ILE B 59 -19.64 14.66 15.91
N ARG B 60 -19.48 14.96 14.61
CA ARG B 60 -20.62 15.06 13.71
C ARG B 60 -21.19 13.70 13.30
N LYS B 61 -20.55 12.60 13.68
CA LYS B 61 -21.04 11.27 13.35
C LYS B 61 -21.72 10.64 14.56
N SER B 62 -22.70 9.79 14.27
CA SER B 62 -23.38 8.98 15.26
C SER B 62 -23.16 7.51 14.94
N ASN B 63 -23.54 6.64 15.89
CA ASN B 63 -23.43 5.21 15.65
C ASN B 63 -24.15 4.79 14.38
N HIS B 64 -25.32 5.39 14.11
CA HIS B 64 -26.09 4.98 12.95
C HIS B 64 -25.45 5.37 11.63
N ASN B 65 -24.43 6.23 11.64
CA ASN B 65 -23.72 6.58 10.42
C ASN B 65 -22.73 5.51 10.00
N PHE B 66 -22.49 4.51 10.84
CA PHE B 66 -21.56 3.44 10.54
C PHE B 66 -22.33 2.17 10.19
N LEU B 67 -22.09 1.64 8.99
CA LEU B 67 -22.75 0.45 8.51
C LEU B 67 -21.70 -0.66 8.42
N VAL B 68 -21.85 -1.69 9.26
CA VAL B 68 -20.88 -2.78 9.33
C VAL B 68 -21.54 -4.05 8.80
N GLN B 69 -20.94 -4.62 7.75
CA GLN B 69 -21.45 -5.81 7.10
C GLN B 69 -20.46 -6.95 7.32
N ALA B 70 -20.93 -8.02 7.93
CA ALA B 70 -20.11 -9.22 8.16
C ALA B 70 -20.75 -10.33 7.32
N GLY B 71 -20.25 -10.50 6.11
CA GLY B 71 -20.89 -11.42 5.19
C GLY B 71 -22.32 -10.97 4.91
N ASN B 72 -23.28 -11.85 5.22
CA ASN B 72 -24.68 -11.58 4.97
C ASN B 72 -25.36 -10.85 6.12
N VAL B 73 -24.63 -10.52 7.18
CA VAL B 73 -25.20 -9.96 8.41
C VAL B 73 -24.71 -8.53 8.59
N GLN B 74 -25.64 -7.62 8.87
CA GLN B 74 -25.29 -6.28 9.32
C GLN B 74 -25.14 -6.29 10.83
N LEU B 75 -24.04 -5.73 11.32
CA LEU B 75 -23.77 -5.61 12.75
C LEU B 75 -24.11 -4.21 13.21
N ARG B 76 -24.92 -4.11 14.26
CA ARG B 76 -25.34 -2.80 14.76
C ARG B 76 -24.20 -2.17 15.57
N VAL B 77 -23.86 -0.94 15.24
CA VAL B 77 -22.84 -0.19 15.96
C VAL B 77 -23.50 0.48 17.16
N ILE B 78 -22.93 0.28 18.34
CA ILE B 78 -23.48 0.78 19.59
C ILE B 78 -22.52 1.71 20.33
N GLY B 79 -21.36 1.99 19.75
CA GLY B 79 -20.42 2.92 20.34
C GLY B 79 -19.29 3.14 19.38
N HIS B 80 -18.62 4.29 19.53
CA HIS B 80 -17.50 4.59 18.65
C HIS B 80 -16.49 5.45 19.39
N SER B 81 -15.21 5.20 19.14
CA SER B 81 -14.17 6.02 19.73
C SER B 81 -12.92 5.97 18.85
N MET B 82 -12.18 7.07 18.87
CA MET B 82 -10.90 7.18 18.20
C MET B 82 -9.76 6.77 19.11
N GLN B 83 -8.88 5.90 18.62
CA GLN B 83 -7.58 5.67 19.24
C GLN B 83 -6.52 5.98 18.20
N ASN B 84 -5.81 7.11 18.38
CA ASN B 84 -4.86 7.59 17.39
C ASN B 84 -5.52 7.62 16.01
N CYS B 85 -4.97 6.94 15.01
CA CYS B 85 -5.57 6.97 13.68
C CYS B 85 -6.49 5.78 13.39
N VAL B 86 -6.88 5.01 14.41
CA VAL B 86 -7.79 3.88 14.23
C VAL B 86 -9.12 4.22 14.87
N LEU B 87 -10.21 3.86 14.19
CA LEU B 87 -11.54 3.98 14.75
C LEU B 87 -11.97 2.63 15.34
N LYS B 88 -12.59 2.68 16.51
CA LYS B 88 -13.06 1.49 17.20
C LYS B 88 -14.57 1.56 17.31
N LEU B 89 -15.26 0.69 16.59
CA LEU B 89 -16.72 0.66 16.56
C LEU B 89 -17.17 -0.51 17.43
N LYS B 90 -17.76 -0.20 18.57
CA LYS B 90 -18.34 -1.26 19.40
C LYS B 90 -19.63 -1.73 18.75
N VAL B 91 -19.77 -3.05 18.60
CA VAL B 91 -20.93 -3.63 17.96
C VAL B 91 -21.71 -4.45 18.98
N ASP B 92 -22.96 -4.74 18.65
CA ASP B 92 -23.81 -5.44 19.59
C ASP B 92 -23.53 -6.94 19.66
N THR B 93 -22.60 -7.45 18.85
CA THR B 93 -22.35 -8.88 18.73
C THR B 93 -20.85 -9.14 18.81
N ALA B 94 -20.43 -10.00 19.73
CA ALA B 94 -19.05 -10.45 19.76
C ALA B 94 -18.82 -11.46 18.66
N ASN B 95 -17.70 -11.32 17.95
CA ASN B 95 -17.37 -12.24 16.86
C ASN B 95 -17.12 -13.63 17.40
N PRO B 96 -17.97 -14.63 17.09
CA PRO B 96 -17.74 -15.98 17.62
C PRO B 96 -16.51 -16.65 17.03
N LYS B 97 -15.95 -16.11 15.94
CA LYS B 97 -14.75 -16.62 15.32
C LYS B 97 -13.49 -15.89 15.77
N THR B 98 -13.58 -15.05 16.79
CA THR B 98 -12.41 -14.33 17.29
C THR B 98 -11.32 -15.32 17.69
N PRO B 99 -10.13 -15.22 17.13
CA PRO B 99 -9.02 -16.07 17.57
C PRO B 99 -8.36 -15.48 18.80
N LYS B 100 -7.47 -16.27 19.41
CA LYS B 100 -6.50 -15.70 20.32
C LYS B 100 -5.64 -14.70 19.55
N TYR B 101 -5.47 -13.50 20.09
CA TYR B 101 -4.78 -12.48 19.34
C TYR B 101 -4.14 -11.48 20.28
N LYS B 102 -3.22 -10.69 19.72
CA LYS B 102 -2.68 -9.53 20.39
C LYS B 102 -2.24 -8.53 19.32
N PHE B 103 -2.10 -7.28 19.75
CA PHE B 103 -1.64 -6.21 18.88
C PHE B 103 -0.16 -5.96 19.17
N VAL B 104 0.67 -6.01 18.14
CA VAL B 104 2.08 -5.73 18.30
C VAL B 104 2.51 -4.67 17.29
N ARG B 105 3.55 -3.93 17.64
CA ARG B 105 4.18 -2.99 16.72
C ARG B 105 5.53 -3.56 16.33
N ILE B 106 5.76 -3.70 15.04
CA ILE B 106 6.97 -4.33 14.55
C ILE B 106 7.96 -3.26 14.11
N GLN B 107 9.14 -3.70 13.76
CA GLN B 107 10.32 -2.99 13.33
C GLN B 107 10.60 -3.25 11.87
N PRO B 108 11.24 -2.31 11.16
CA PRO B 108 11.64 -2.58 9.78
C PRO B 108 12.48 -3.84 9.68
N GLY B 109 12.27 -4.60 8.61
CA GLY B 109 12.91 -5.88 8.41
C GLY B 109 12.13 -7.07 8.91
N GLN B 110 11.18 -6.88 9.82
CA GLN B 110 10.37 -7.98 10.27
C GLN B 110 9.27 -8.28 9.26
N THR B 111 8.95 -9.55 9.11
CA THR B 111 8.01 -9.99 8.09
C THR B 111 6.64 -10.30 8.68
N PHE B 112 5.65 -10.32 7.80
CA PHE B 112 4.27 -10.58 8.20
C PHE B 112 3.46 -10.88 6.95
N SER B 113 2.35 -11.57 7.13
CA SER B 113 1.43 -11.85 6.04
C SER B 113 0.36 -10.77 5.98
N VAL B 114 0.01 -10.35 4.78
CA VAL B 114 -1.07 -9.39 4.57
C VAL B 114 -2.21 -10.11 3.84
N LEU B 115 -3.41 -10.03 4.40
CA LEU B 115 -4.61 -10.56 3.75
C LEU B 115 -5.26 -9.38 3.02
N ALA B 116 -5.01 -9.28 1.72
CA ALA B 116 -5.63 -8.23 0.93
C ALA B 116 -7.10 -8.55 0.75
N CYS B 117 -7.97 -7.59 1.09
CA CYS B 117 -9.41 -7.74 0.96
C CYS B 117 -10.00 -6.58 0.20
N TYR B 118 -11.06 -6.86 -0.53
CA TYR B 118 -11.84 -5.83 -1.22
C TYR B 118 -13.20 -5.73 -0.53
N ASN B 119 -13.42 -4.61 0.14
CA ASN B 119 -14.70 -4.31 0.80
C ASN B 119 -15.18 -5.49 1.63
N GLY B 120 -14.28 -5.97 2.50
CA GLY B 120 -14.59 -7.07 3.40
C GLY B 120 -14.37 -8.45 2.82
N SER B 121 -14.02 -8.57 1.53
CA SER B 121 -13.92 -9.86 0.88
C SER B 121 -12.47 -10.24 0.67
N PRO B 122 -11.99 -11.32 1.28
CA PRO B 122 -10.58 -11.71 1.13
C PRO B 122 -10.22 -12.05 -0.30
N SER B 123 -9.10 -11.49 -0.77
CA SER B 123 -8.65 -11.66 -2.15
C SER B 123 -7.41 -12.51 -2.27
N GLY B 124 -6.41 -12.28 -1.42
CA GLY B 124 -5.19 -13.04 -1.49
C GLY B 124 -4.32 -12.74 -0.28
N VAL B 125 -3.37 -13.63 -0.03
CA VAL B 125 -2.47 -13.47 1.10
C VAL B 125 -1.05 -13.34 0.55
N TYR B 126 -0.30 -12.40 1.11
CA TYR B 126 1.02 -12.03 0.63
C TYR B 126 1.97 -11.96 1.81
N GLN B 127 3.14 -12.58 1.69
CA GLN B 127 4.16 -12.47 2.71
C GLN B 127 5.01 -11.24 2.42
N CYS B 128 5.05 -10.32 3.38
CA CYS B 128 5.65 -9.01 3.18
C CYS B 128 6.69 -8.75 4.26
N ALA B 129 7.57 -7.80 3.97
CA ALA B 129 8.50 -7.30 4.97
C ALA B 129 8.25 -5.81 5.18
N MET B 130 8.45 -5.36 6.41
CA MET B 130 8.44 -3.94 6.71
C MET B 130 9.74 -3.32 6.21
N ARG B 131 9.66 -2.51 5.16
CA ARG B 131 10.85 -1.85 4.61
C ARG B 131 11.40 -0.81 5.59
N PRO B 132 12.70 -0.53 5.52
CA PRO B 132 13.27 0.52 6.38
C PRO B 132 12.59 1.87 6.23
N ASN B 133 12.03 2.20 5.07
CA ASN B 133 11.29 3.45 4.92
C ASN B 133 9.80 3.31 5.25
N PHE B 134 9.40 2.15 5.80
CA PHE B 134 8.09 1.88 6.37
C PHE B 134 6.98 1.78 5.32
N THR B 135 7.32 1.55 4.05
CA THR B 135 6.31 1.42 3.02
C THR B 135 6.25 -0.01 2.50
N ILE B 136 5.13 -0.32 1.84
CA ILE B 136 4.93 -1.59 1.14
C ILE B 136 4.66 -1.27 -0.31
N LYS B 137 5.40 -1.91 -1.21
CA LYS B 137 5.26 -1.66 -2.63
C LYS B 137 4.43 -2.77 -3.27
N GLY B 138 3.65 -2.39 -4.28
CA GLY B 138 2.84 -3.35 -5.00
C GLY B 138 1.38 -2.96 -5.17
N SER B 139 0.79 -3.38 -6.28
CA SER B 139 -0.60 -3.06 -6.58
C SER B 139 -1.59 -3.87 -5.76
N PHE B 140 -1.15 -4.88 -5.01
CA PHE B 140 -2.10 -5.75 -4.32
C PHE B 140 -2.88 -5.03 -3.23
N LEU B 141 -2.37 -3.91 -2.72
CA LEU B 141 -3.11 -3.15 -1.73
C LEU B 141 -3.94 -2.02 -2.32
N ASN B 142 -3.86 -1.81 -3.63
CA ASN B 142 -4.76 -0.85 -4.26
C ASN B 142 -6.20 -1.31 -4.09
N GLY B 143 -7.06 -0.41 -3.62
CA GLY B 143 -8.45 -0.77 -3.40
C GLY B 143 -8.65 -1.78 -2.28
N SER B 144 -7.67 -1.93 -1.40
CA SER B 144 -7.73 -2.87 -0.29
C SER B 144 -7.53 -2.18 1.05
N CYS B 145 -8.02 -0.94 1.14
CA CYS B 145 -7.81 -0.11 2.32
C CYS B 145 -8.38 -0.77 3.58
N GLY B 146 -7.59 -0.78 4.65
CA GLY B 146 -7.98 -1.42 5.90
C GLY B 146 -7.59 -2.87 6.04
N SER B 147 -6.99 -3.47 5.02
CA SER B 147 -6.49 -4.83 5.16
C SER B 147 -5.36 -4.87 6.19
N VAL B 148 -5.19 -6.02 6.85
CA VAL B 148 -4.28 -6.09 7.98
C VAL B 148 -3.14 -7.05 7.72
N GLY B 149 -2.05 -6.84 8.46
CA GLY B 149 -0.90 -7.71 8.45
C GLY B 149 -0.80 -8.41 9.79
N PHE B 150 -0.22 -9.62 9.78
CA PHE B 150 -0.25 -10.45 10.98
C PHE B 150 0.82 -11.54 10.91
N ASN B 151 1.20 -12.02 12.09
CA ASN B 151 1.94 -13.26 12.25
C ASN B 151 1.09 -14.22 13.05
N ILE B 152 1.32 -15.51 12.87
CA ILE B 152 0.63 -16.53 13.65
C ILE B 152 1.69 -17.40 14.32
N ASP B 153 1.57 -17.56 15.63
CA ASP B 153 2.50 -18.35 16.43
C ASP B 153 1.66 -19.21 17.37
N TYR B 154 1.66 -20.53 17.13
CA TYR B 154 0.87 -21.48 17.92
C TYR B 154 -0.60 -21.05 17.98
N ASP B 155 -1.15 -20.74 16.81
CA ASP B 155 -2.54 -20.33 16.64
C ASP B 155 -2.91 -19.04 17.38
N CYS B 156 -1.93 -18.28 17.84
CA CYS B 156 -2.18 -16.92 18.32
C CYS B 156 -1.81 -15.94 17.21
N VAL B 157 -2.74 -15.04 16.89
CA VAL B 157 -2.58 -14.10 15.78
C VAL B 157 -2.06 -12.78 16.34
N SER B 158 -0.84 -12.42 15.99
CA SER B 158 -0.28 -11.11 16.34
C SER B 158 -0.55 -10.16 15.19
N PHE B 159 -1.53 -9.27 15.35
CA PHE B 159 -1.79 -8.24 14.36
C PHE B 159 -0.78 -7.11 14.51
N CYS B 160 -0.12 -6.75 13.40
CA CYS B 160 0.93 -5.75 13.43
C CYS B 160 0.71 -4.59 12.47
N TYR B 161 -0.27 -4.67 11.56
CA TYR B 161 -0.35 -3.67 10.50
C TYR B 161 -1.78 -3.51 10.02
N MET B 162 -2.16 -2.27 9.73
CA MET B 162 -3.42 -1.96 9.06
C MET B 162 -3.11 -0.98 7.93
N HIS B 163 -3.55 -1.31 6.73
CA HIS B 163 -3.32 -0.43 5.59
C HIS B 163 -4.25 0.78 5.64
N HIS B 164 -3.69 1.98 5.42
CA HIS B 164 -4.50 3.19 5.36
C HIS B 164 -4.54 3.85 3.99
N MET B 165 -3.45 3.84 3.22
CA MET B 165 -3.49 4.68 2.04
C MET B 165 -2.40 4.29 1.04
N GLU B 166 -2.70 4.55 -0.23
CA GLU B 166 -1.74 4.44 -1.31
C GLU B 166 -1.26 5.85 -1.68
N LEU B 167 0.06 6.01 -1.76
CA LEU B 167 0.67 7.29 -2.11
C LEU B 167 0.74 7.44 -3.63
N PRO B 168 0.99 8.65 -4.14
CA PRO B 168 1.00 8.84 -5.60
C PRO B 168 2.05 8.03 -6.34
N THR B 169 3.09 7.58 -5.64
CA THR B 169 4.10 6.72 -6.24
C THR B 169 3.66 5.26 -6.35
N GLY B 170 2.53 4.90 -5.74
CA GLY B 170 2.07 3.53 -5.75
C GLY B 170 2.45 2.69 -4.54
N VAL B 171 3.28 3.23 -3.63
CA VAL B 171 3.61 2.52 -2.41
C VAL B 171 2.57 2.84 -1.36
N HIS B 172 2.52 2.02 -0.31
CA HIS B 172 1.43 2.05 0.65
C HIS B 172 1.94 2.36 2.05
N ALA B 173 1.09 3.03 2.82
CA ALA B 173 1.38 3.43 4.19
C ALA B 173 0.28 2.96 5.13
N GLY B 174 0.66 2.66 6.36
CA GLY B 174 -0.31 2.20 7.33
C GLY B 174 0.17 2.38 8.76
N THR B 175 -0.65 1.86 9.68
CA THR B 175 -0.43 2.02 11.11
C THR B 175 -0.31 0.64 11.74
N ASP B 176 0.03 0.62 13.03
CA ASP B 176 -0.22 -0.56 13.83
C ASP B 176 -1.69 -0.59 14.24
N LEU B 177 -2.09 -1.62 15.00
CA LEU B 177 -3.49 -1.72 15.37
C LEU B 177 -3.88 -0.78 16.51
N GLU B 178 -2.90 -0.09 17.10
CA GLU B 178 -3.18 1.00 18.02
C GLU B 178 -3.28 2.35 17.30
N GLY B 179 -3.12 2.36 15.98
CA GLY B 179 -3.37 3.56 15.21
C GLY B 179 -2.22 4.53 15.07
N ASN B 180 -1.00 4.11 15.40
CA ASN B 180 0.18 4.96 15.17
C ASN B 180 0.81 4.61 13.84
N PHE B 181 1.03 5.61 13.01
CA PHE B 181 1.61 5.36 11.69
C PHE B 181 3.00 4.77 11.80
N TYR B 182 3.29 3.84 10.90
CA TYR B 182 4.65 3.42 10.61
C TYR B 182 5.27 4.46 9.69
N GLY B 183 6.33 5.12 10.15
CA GLY B 183 6.98 6.13 9.36
C GLY B 183 6.26 7.46 9.37
N PRO B 184 6.86 8.46 8.71
CA PRO B 184 6.38 9.85 8.79
C PRO B 184 5.25 10.13 7.79
N PHE B 185 4.12 9.47 7.98
CA PHE B 185 2.97 9.62 7.09
C PHE B 185 1.77 10.09 7.89
N VAL B 186 0.82 10.70 7.19
CA VAL B 186 -0.34 11.34 7.82
C VAL B 186 -1.58 11.01 7.01
N ASP B 187 -2.71 10.84 7.69
CA ASP B 187 -3.97 10.60 6.99
C ASP B 187 -4.60 11.95 6.63
N ARG B 188 -3.90 12.64 5.74
CA ARG B 188 -4.26 13.97 5.27
C ARG B 188 -3.81 14.11 3.82
N GLN B 189 -4.60 14.83 3.03
CA GLN B 189 -4.25 15.11 1.64
C GLN B 189 -3.11 16.11 1.57
N THR B 190 -1.88 15.61 1.55
CA THR B 190 -0.69 16.45 1.51
C THR B 190 0.44 15.60 0.95
N ALA B 191 1.47 16.28 0.43
CA ALA B 191 2.66 15.58 -0.03
C ALA B 191 3.39 14.96 1.15
N GLN B 192 3.84 13.72 0.98
CA GLN B 192 4.54 13.02 2.05
C GLN B 192 5.40 11.88 1.51
N ALA B 193 6.33 12.19 0.60
CA ALA B 193 7.09 11.16 -0.07
C ALA B 193 7.88 10.30 0.93
N ALA B 194 7.95 9.00 0.64
CA ALA B 194 8.72 8.09 1.47
C ALA B 194 10.21 8.38 1.33
N GLY B 195 10.95 8.07 2.39
CA GLY B 195 12.38 8.24 2.36
C GLY B 195 13.07 7.17 1.53
N THR B 196 14.38 7.37 1.39
CA THR B 196 15.22 6.41 0.68
C THR B 196 15.13 5.04 1.34
N ASP B 197 14.86 4.01 0.55
CA ASP B 197 14.81 2.67 1.11
C ASP B 197 16.18 2.03 1.07
N THR B 198 16.49 1.29 2.12
CA THR B 198 17.78 0.65 2.33
C THR B 198 17.58 -0.86 2.36
N THR B 199 18.68 -1.59 2.39
CA THR B 199 18.64 -3.05 2.40
C THR B 199 18.76 -3.56 3.83
N ILE B 200 17.95 -4.57 4.16
CA ILE B 200 17.87 -5.09 5.52
C ILE B 200 19.03 -6.06 5.72
N THR B 201 20.10 -5.59 6.36
CA THR B 201 21.35 -6.35 6.46
C THR B 201 21.15 -7.67 7.19
N VAL B 202 20.51 -7.64 8.37
CA VAL B 202 20.36 -8.85 9.16
C VAL B 202 19.60 -9.92 8.36
N ASN B 203 18.70 -9.50 7.48
CA ASN B 203 17.93 -10.46 6.69
C ASN B 203 18.77 -11.04 5.56
N VAL B 204 19.65 -10.23 4.96
CA VAL B 204 20.55 -10.74 3.93
C VAL B 204 21.46 -11.82 4.52
N LEU B 205 21.96 -11.60 5.73
CA LEU B 205 22.80 -12.61 6.37
C LEU B 205 22.02 -13.89 6.66
N ALA B 206 20.78 -13.75 7.11
CA ALA B 206 19.93 -14.93 7.30
C ALA B 206 19.76 -15.69 6.00
N TRP B 207 19.59 -14.96 4.89
CA TRP B 207 19.43 -15.59 3.59
C TRP B 207 20.71 -16.27 3.14
N LEU B 208 21.87 -15.67 3.45
CA LEU B 208 23.13 -16.34 3.16
C LEU B 208 23.28 -17.62 3.97
N TYR B 209 22.85 -17.61 5.23
CA TYR B 209 22.81 -18.84 6.01
C TYR B 209 21.90 -19.88 5.37
N ALA B 210 20.72 -19.45 4.90
CA ALA B 210 19.86 -20.34 4.16
C ALA B 210 20.56 -20.84 2.91
N ALA B 211 21.46 -20.02 2.33
CA ALA B 211 22.19 -20.41 1.12
C ALA B 211 23.25 -21.47 1.45
N VAL B 212 23.74 -21.49 2.69
CA VAL B 212 24.73 -22.49 3.10
C VAL B 212 24.05 -23.81 3.46
N ILE B 213 22.80 -23.73 3.97
CA ILE B 213 22.09 -24.93 4.43
C ILE B 213 21.70 -25.80 3.25
N ASN B 214 21.44 -25.19 2.09
CA ASN B 214 21.06 -25.87 0.86
C ASN B 214 22.25 -26.04 -0.07
N GLY B 215 23.47 -25.89 0.45
CA GLY B 215 24.66 -26.29 -0.27
C GLY B 215 25.39 -25.23 -1.07
N ASP B 216 24.96 -23.98 -1.04
CA ASP B 216 25.70 -22.89 -1.70
C ASP B 216 26.73 -22.36 -0.72
N ARG B 217 28.01 -22.63 -0.98
CA ARG B 217 29.05 -22.41 0.03
C ARG B 217 30.25 -21.61 -0.46
N TRP B 218 30.17 -20.96 -1.62
CA TRP B 218 31.28 -20.12 -2.07
C TRP B 218 31.17 -18.76 -1.41
N PHE B 219 31.98 -18.55 -0.38
CA PHE B 219 32.01 -17.29 0.35
C PHE B 219 33.43 -16.76 0.50
N THR B 224 36.69 -8.16 7.93
CA THR B 224 35.92 -7.53 9.00
C THR B 224 35.40 -8.55 10.02
N THR B 225 36.30 -9.01 10.88
CA THR B 225 35.93 -9.94 11.95
C THR B 225 35.06 -9.25 13.00
N THR B 226 35.39 -8.02 13.36
CA THR B 226 34.63 -7.33 14.40
C THR B 226 33.36 -6.70 13.82
N LEU B 227 32.32 -6.65 14.66
CA LEU B 227 31.05 -6.06 14.25
C LEU B 227 31.23 -4.63 13.77
N ASN B 228 32.07 -3.86 14.47
CA ASN B 228 32.21 -2.44 14.14
C ASN B 228 32.88 -2.24 12.78
N ASP B 229 33.88 -3.04 12.46
CA ASP B 229 34.53 -2.91 11.16
C ASP B 229 33.61 -3.32 10.02
N PHE B 230 32.74 -4.31 10.24
CA PHE B 230 31.77 -4.67 9.20
C PHE B 230 30.78 -3.55 8.97
N ASN B 231 30.25 -2.97 10.05
CA ASN B 231 29.29 -1.88 9.92
C ASN B 231 29.89 -0.70 9.15
N LEU B 232 31.19 -0.47 9.34
CA LEU B 232 31.88 0.57 8.57
C LEU B 232 31.78 0.31 7.07
N VAL B 233 31.81 -0.96 6.68
CA VAL B 233 31.69 -1.31 5.27
C VAL B 233 30.23 -1.31 4.84
N ALA B 234 29.33 -1.82 5.69
CA ALA B 234 27.93 -1.93 5.31
C ALA B 234 27.30 -0.55 5.09
N MET B 235 27.62 0.41 5.96
CA MET B 235 27.05 1.74 5.85
C MET B 235 27.42 2.45 4.56
N LYS B 236 28.35 1.89 3.77
CA LYS B 236 28.76 2.49 2.52
C LYS B 236 28.07 1.88 1.30
N TYR B 237 27.29 0.81 1.46
CA TYR B 237 26.56 0.21 0.35
C TYR B 237 25.06 0.28 0.57
N ASN B 238 24.60 1.26 1.35
CA ASN B 238 23.17 1.52 1.53
C ASN B 238 22.50 0.33 2.21
N TYR B 239 23.20 -0.26 3.18
CA TYR B 239 22.71 -1.35 4.00
C TYR B 239 22.46 -0.84 5.42
N GLU B 240 21.47 -1.44 6.09
CA GLU B 240 21.14 -1.06 7.45
C GLU B 240 22.23 -1.49 8.42
N PRO B 241 22.36 -0.80 9.55
CA PRO B 241 23.38 -1.18 10.54
C PRO B 241 23.07 -2.52 11.19
N LEU B 242 24.15 -3.25 11.49
CA LEU B 242 24.06 -4.54 12.18
C LEU B 242 24.33 -4.32 13.65
N THR B 243 23.29 -4.43 14.48
CA THR B 243 23.42 -4.23 15.91
C THR B 243 23.91 -5.51 16.58
N GLN B 244 24.35 -5.37 17.84
CA GLN B 244 24.74 -6.55 18.60
C GLN B 244 23.55 -7.45 18.88
N ASP B 245 22.35 -6.87 18.98
CA ASP B 245 21.15 -7.69 19.05
C ASP B 245 20.94 -8.50 17.78
N HIS B 246 21.33 -7.96 16.63
CA HIS B 246 21.21 -8.70 15.37
C HIS B 246 22.10 -9.94 15.38
N VAL B 247 23.35 -9.80 15.84
CA VAL B 247 24.24 -10.95 15.92
C VAL B 247 23.69 -11.99 16.89
N ASP B 248 23.03 -11.55 17.96
CA ASP B 248 22.38 -12.49 18.87
C ASP B 248 21.29 -13.27 18.14
N ILE B 249 20.50 -12.59 17.31
CA ILE B 249 19.40 -13.24 16.60
C ILE B 249 19.94 -14.29 15.63
N LEU B 250 21.11 -14.05 15.05
CA LEU B 250 21.71 -14.98 14.10
C LEU B 250 22.41 -16.16 14.78
N GLY B 251 22.42 -16.21 16.11
CA GLY B 251 23.02 -17.29 16.85
C GLY B 251 22.51 -18.67 16.47
N PRO B 252 21.18 -18.87 16.55
CA PRO B 252 20.61 -20.17 16.15
C PRO B 252 21.07 -20.63 14.77
N LEU B 253 20.99 -19.76 13.76
CA LEU B 253 21.50 -20.11 12.44
C LEU B 253 23.01 -20.34 12.47
N SER B 254 23.73 -19.60 13.30
CA SER B 254 25.17 -19.78 13.40
C SER B 254 25.52 -21.13 14.00
N ALA B 255 24.78 -21.56 15.03
CA ALA B 255 25.05 -22.86 15.64
C ALA B 255 24.72 -24.00 14.70
N GLN B 256 23.64 -23.87 13.93
CA GLN B 256 23.23 -24.94 13.03
C GLN B 256 24.25 -25.17 11.92
N THR B 257 24.64 -24.10 11.22
CA THR B 257 25.66 -24.21 10.20
C THR B 257 27.07 -24.23 10.76
N GLY B 258 27.22 -24.03 12.07
CA GLY B 258 28.55 -23.93 12.66
C GLY B 258 29.34 -22.73 12.21
N ILE B 259 28.73 -21.80 11.48
CA ILE B 259 29.44 -20.66 10.91
C ILE B 259 29.25 -19.48 11.83
N ALA B 260 30.36 -18.86 12.25
CA ALA B 260 30.28 -17.70 13.12
C ALA B 260 29.63 -16.54 12.38
N VAL B 261 28.75 -15.82 13.08
CA VAL B 261 28.03 -14.70 12.47
C VAL B 261 29.02 -13.69 11.89
N LEU B 262 30.04 -13.33 12.67
CA LEU B 262 31.05 -12.40 12.18
C LEU B 262 31.80 -12.98 10.99
N ASP B 263 31.94 -14.30 10.92
CA ASP B 263 32.50 -14.91 9.71
C ASP B 263 31.54 -14.74 8.53
N MET B 264 30.23 -14.87 8.77
CA MET B 264 29.28 -14.62 7.70
C MET B 264 29.30 -13.15 7.27
N CYS B 265 29.40 -12.24 8.23
CA CYS B 265 29.56 -10.82 7.89
C CYS B 265 30.78 -10.61 7.01
N ALA B 266 31.90 -11.27 7.34
CA ALA B 266 33.09 -11.17 6.51
C ALA B 266 32.81 -11.62 5.08
N SER B 267 31.95 -12.63 4.91
CA SER B 267 31.61 -13.09 3.58
C SER B 267 30.73 -12.08 2.84
N LEU B 268 29.83 -11.40 3.56
CA LEU B 268 29.02 -10.38 2.93
C LEU B 268 29.86 -9.19 2.49
N LYS B 269 30.99 -8.95 3.18
CA LYS B 269 31.85 -7.81 2.88
C LYS B 269 32.24 -7.74 1.41
N GLU B 270 32.68 -8.85 0.83
CA GLU B 270 33.22 -8.84 -0.54
C GLU B 270 32.17 -9.09 -1.61
N LEU B 271 30.99 -9.60 -1.23
CA LEU B 271 29.94 -9.79 -2.23
C LEU B 271 29.48 -8.46 -2.80
N LEU B 272 29.47 -7.40 -1.98
CA LEU B 272 28.95 -6.11 -2.40
C LEU B 272 29.92 -5.42 -3.36
N GLN B 273 31.21 -5.74 -3.26
CA GLN B 273 32.26 -5.11 -4.03
C GLN B 273 32.44 -5.73 -5.41
N ASN B 274 32.59 -7.06 -5.46
CA ASN B 274 32.97 -7.73 -6.70
C ASN B 274 31.83 -7.71 -7.71
N GLY B 275 30.72 -8.36 -7.37
CA GLY B 275 29.55 -8.33 -8.24
C GLY B 275 28.90 -9.70 -8.30
N MET B 276 28.08 -9.88 -9.34
CA MET B 276 27.30 -11.11 -9.46
C MET B 276 28.15 -12.29 -9.89
N ASN B 277 29.18 -12.05 -10.72
CA ASN B 277 29.99 -13.09 -11.35
C ASN B 277 29.15 -14.07 -12.16
N GLY B 278 27.93 -13.67 -12.54
CA GLY B 278 27.07 -14.50 -13.38
C GLY B 278 26.55 -15.76 -12.71
N ARG B 279 26.79 -15.90 -11.41
CA ARG B 279 26.39 -17.07 -10.64
C ARG B 279 25.12 -16.80 -9.85
N THR B 280 24.60 -17.85 -9.21
CA THR B 280 23.33 -17.78 -8.50
C THR B 280 23.51 -18.18 -7.04
N ILE B 281 22.63 -17.63 -6.21
CA ILE B 281 22.54 -17.97 -4.78
C ILE B 281 21.08 -18.28 -4.49
N LEU B 282 20.78 -19.55 -4.16
CA LEU B 282 19.41 -20.01 -3.91
C LEU B 282 18.48 -19.67 -5.07
N GLY B 283 18.95 -19.92 -6.30
CA GLY B 283 18.15 -19.63 -7.46
C GLY B 283 17.94 -18.16 -7.73
N SER B 284 18.78 -17.30 -7.15
CA SER B 284 18.69 -15.86 -7.32
C SER B 284 20.08 -15.29 -7.61
N ALA B 285 20.11 -14.25 -8.45
CA ALA B 285 21.35 -13.54 -8.74
C ALA B 285 21.51 -12.28 -7.91
N LEU B 286 20.47 -11.87 -7.19
CA LEU B 286 20.51 -10.72 -6.31
C LEU B 286 20.42 -11.18 -4.86
N LEU B 287 20.92 -10.35 -3.96
CA LEU B 287 20.82 -10.64 -2.54
C LEU B 287 19.40 -10.35 -2.05
N GLU B 288 18.79 -11.31 -1.37
CA GLU B 288 17.42 -11.23 -0.93
C GLU B 288 17.39 -10.80 0.53
N ASP B 289 16.49 -9.85 0.87
CA ASP B 289 16.50 -9.29 2.22
C ASP B 289 15.11 -9.28 2.87
N GLU B 290 14.19 -10.15 2.42
CA GLU B 290 12.87 -10.20 3.01
C GLU B 290 12.61 -11.52 3.76
N PHE B 291 13.66 -12.20 4.20
CA PHE B 291 13.56 -13.34 5.10
C PHE B 291 14.29 -13.00 6.39
N THR B 292 13.60 -13.05 7.51
CA THR B 292 14.24 -12.83 8.81
C THR B 292 15.01 -14.08 9.21
N PRO B 293 15.89 -13.97 10.22
CA PRO B 293 16.47 -15.18 10.81
C PRO B 293 15.43 -16.19 11.29
N PHE B 294 14.33 -15.71 11.87
CA PHE B 294 13.26 -16.64 12.28
C PHE B 294 12.66 -17.34 11.06
N ASP B 295 12.42 -16.59 9.98
CA ASP B 295 11.84 -17.21 8.79
C ASP B 295 12.72 -18.33 8.25
N VAL B 296 14.04 -18.21 8.37
CA VAL B 296 14.93 -19.22 7.81
C VAL B 296 14.93 -20.46 8.69
N VAL B 297 15.04 -20.29 10.01
CA VAL B 297 15.00 -21.45 10.90
C VAL B 297 13.61 -22.10 10.85
N ARG B 298 12.57 -21.30 10.62
CA ARG B 298 11.22 -21.84 10.45
C ARG B 298 11.19 -22.85 9.32
N GLN B 299 11.89 -22.57 8.22
CA GLN B 299 11.86 -23.42 7.04
C GLN B 299 12.95 -24.49 7.07
N CYS B 300 14.16 -24.13 7.53
CA CYS B 300 15.27 -25.08 7.58
C CYS B 300 15.56 -25.49 9.02
S SO4 C . 4.03 -16.41 -0.12
O1 SO4 C . 5.18 -15.99 0.66
O2 SO4 C . 2.88 -16.08 0.70
O3 SO4 C . 4.08 -17.85 -0.34
O4 SO4 C . 4.29 -16.14 -1.54
#